data_1DQP
#
_entry.id   1DQP
#
_cell.length_a   56.860
_cell.length_b   71.610
_cell.length_c   122.369
_cell.angle_alpha   90.0
_cell.angle_beta   90.0
_cell.angle_gamma   90.0
#
_symmetry.space_group_name_H-M   'P 21 21 21'
#
loop_
_entity.id
_entity.type
_entity.pdbx_description
1 polymer 'GUANINE PHOSPHORIBOSYLTRANSFERASE'
2 non-polymer 1,4-DIDEOXY-1,4-IMINO-1-(S)-(9-DEAZAGUANIN-9-YL)-D-RIBITOL
3 non-polymer 'ISOPROPYL ALCOHOL'
4 water water
#
_entity_poly.entity_id   1
_entity_poly.type   'polypeptide(L)'
_entity_poly.pdbx_seq_one_letter_code
;MICSVTGKPVKDVLSTFFKDRNDVLESEVKKFHLLATFEECKALAADTARRMNEYYKDVAEPVTLVALLTGAYLYASLLT
VHLTFPYTLHFVKVSSYKGTRQESVVFDEEDLKQLKEKREVVLIDEYVDSGHTIFSIQEQIKHAKICSCFVKDVDAIKKH
SALADTKMFYGYTPMPKGSWLIGFGLDDNGLRRGWAHLFDINLSESEVTEFRRRLTEHIKGLNINGVNRY
;
_entity_poly.pdbx_strand_id   A,B
#
# COMPACT_ATOMS: atom_id res chain seq x y z
N MET A 1 -3.32 21.74 17.64
CA MET A 1 -4.28 21.98 16.52
C MET A 1 -3.56 22.19 15.19
N ILE A 2 -2.28 21.79 15.13
CA ILE A 2 -1.50 21.95 13.92
C ILE A 2 -0.76 20.68 13.55
N CYS A 3 -0.69 20.39 12.25
CA CYS A 3 0.01 19.19 11.79
C CYS A 3 1.47 19.33 12.20
N SER A 4 2.01 18.34 12.90
CA SER A 4 3.38 18.42 13.36
C SER A 4 4.44 18.22 12.29
N VAL A 5 4.03 17.86 11.08
CA VAL A 5 4.97 17.68 9.97
C VAL A 5 4.93 18.88 9.05
N THR A 6 3.72 19.22 8.58
CA THR A 6 3.54 20.33 7.66
C THR A 6 3.33 21.70 8.28
N GLY A 7 2.79 21.75 9.50
CA GLY A 7 2.54 23.03 10.15
C GLY A 7 1.17 23.56 9.76
N LYS A 8 0.45 22.80 8.94
CA LYS A 8 -0.88 23.20 8.50
C LYS A 8 -1.87 22.99 9.65
N PRO A 9 -2.73 23.99 9.95
CA PRO A 9 -3.68 23.77 11.05
C PRO A 9 -4.61 22.60 10.69
N VAL A 10 -4.97 21.80 11.69
CA VAL A 10 -5.85 20.67 11.45
C VAL A 10 -7.16 21.09 10.81
N LYS A 11 -7.69 22.25 11.18
CA LYS A 11 -8.94 22.69 10.58
C LYS A 11 -8.78 22.87 9.08
N ASP A 12 -7.60 23.29 8.64
CA ASP A 12 -7.33 23.47 7.22
C ASP A 12 -7.06 22.12 6.54
N VAL A 13 -6.43 21.21 7.27
CA VAL A 13 -6.19 19.87 6.73
C VAL A 13 -7.57 19.25 6.45
N LEU A 14 -8.47 19.42 7.40
CA LEU A 14 -9.81 18.85 7.28
C LEU A 14 -10.71 19.57 6.28
N SER A 15 -10.59 20.90 6.18
CA SER A 15 -11.42 21.60 5.21
C SER A 15 -11.02 21.13 3.81
N THR A 16 -9.73 20.88 3.61
CA THR A 16 -9.27 20.39 2.32
C THR A 16 -9.74 18.95 2.12
N PHE A 17 -9.62 18.14 3.17
CA PHE A 17 -10.04 16.76 3.08
C PHE A 17 -11.51 16.58 2.76
N PHE A 18 -12.37 17.33 3.44
CA PHE A 18 -13.80 17.17 3.24
C PHE A 18 -14.47 17.96 2.12
N LYS A 19 -13.70 18.69 1.33
CA LYS A 19 -14.27 19.46 0.25
C LYS A 19 -14.89 18.63 -0.86
N ASP A 20 -16.19 18.78 -1.07
CA ASP A 20 -16.90 18.10 -2.13
C ASP A 20 -16.64 16.60 -2.31
N ARG A 21 -16.70 15.85 -1.22
CA ARG A 21 -16.51 14.40 -1.31
C ARG A 21 -17.84 13.73 -1.64
N ASN A 22 -17.77 12.50 -2.11
CA ASN A 22 -18.97 11.75 -2.45
C ASN A 22 -19.04 10.46 -1.64
N ASP A 23 -18.37 10.46 -0.50
CA ASP A 23 -18.34 9.28 0.35
C ASP A 23 -18.63 9.58 1.82
N VAL A 24 -19.32 10.69 2.05
CA VAL A 24 -19.69 11.08 3.40
C VAL A 24 -20.68 12.22 3.28
N LEU A 25 -21.70 12.20 4.12
CA LEU A 25 -22.72 13.24 4.12
C LEU A 25 -22.22 14.42 4.95
N GLU A 26 -22.55 15.63 4.53
CA GLU A 26 -22.10 16.80 5.27
C GLU A 26 -22.42 16.68 6.77
N SER A 27 -23.59 16.13 7.09
CA SER A 27 -23.99 16.01 8.49
C SER A 27 -23.21 14.98 9.28
N GLU A 28 -22.47 14.10 8.59
CA GLU A 28 -21.69 13.05 9.23
C GLU A 28 -20.24 13.46 9.47
N VAL A 29 -19.79 14.50 8.76
CA VAL A 29 -18.42 14.97 8.89
C VAL A 29 -17.97 15.18 10.33
N LYS A 30 -18.81 15.81 11.15
CA LYS A 30 -18.46 16.08 12.55
C LYS A 30 -18.17 14.83 13.40
N LYS A 31 -18.61 13.67 12.94
CA LYS A 31 -18.40 12.42 13.68
C LYS A 31 -16.94 11.95 13.63
N PHE A 32 -16.18 12.47 12.68
CA PHE A 32 -14.78 12.05 12.55
C PHE A 32 -13.78 12.97 13.20
N HIS A 33 -13.05 12.45 14.19
CA HIS A 33 -12.07 13.25 14.90
C HIS A 33 -10.68 12.88 14.42
N LEU A 34 -9.93 13.85 13.91
CA LEU A 34 -8.60 13.52 13.42
C LEU A 34 -7.61 13.29 14.56
N LEU A 35 -6.97 12.11 14.57
CA LEU A 35 -5.97 11.79 15.58
C LEU A 35 -4.57 12.04 15.02
N ALA A 36 -4.36 11.64 13.76
CA ALA A 36 -3.07 11.84 13.12
C ALA A 36 -3.24 12.15 11.64
N THR A 37 -2.53 13.16 11.16
CA THR A 37 -2.66 13.48 9.75
C THR A 37 -1.87 12.40 8.99
N PHE A 38 -2.19 12.24 7.71
CA PHE A 38 -1.51 11.27 6.88
C PHE A 38 -0.01 11.57 6.91
N GLU A 39 0.37 12.83 6.78
CA GLU A 39 1.79 13.17 6.85
C GLU A 39 2.40 12.74 8.18
N GLU A 40 1.68 12.91 9.28
CA GLU A 40 2.21 12.48 10.57
C GLU A 40 2.39 10.96 10.56
N CYS A 41 1.41 10.24 10.00
CA CYS A 41 1.53 8.79 9.94
C CYS A 41 2.72 8.38 9.08
N LYS A 42 2.95 9.11 8.00
CA LYS A 42 4.08 8.80 7.12
C LYS A 42 5.39 8.98 7.86
N ALA A 43 5.44 9.99 8.74
CA ALA A 43 6.65 10.23 9.52
C ALA A 43 6.89 9.07 10.47
N LEU A 44 5.82 8.59 11.10
CA LEU A 44 5.93 7.45 12.02
C LEU A 44 6.43 6.21 11.26
N ALA A 45 5.88 6.00 10.07
CA ALA A 45 6.27 4.85 9.24
C ALA A 45 7.73 4.97 8.85
N ALA A 46 8.16 6.17 8.49
CA ALA A 46 9.56 6.39 8.09
C ALA A 46 10.47 6.15 9.29
N ASP A 47 10.03 6.57 10.47
CA ASP A 47 10.83 6.37 11.68
C ASP A 47 10.95 4.88 12.00
N THR A 48 9.90 4.13 11.72
CA THR A 48 9.91 2.70 11.97
C THR A 48 10.84 2.04 10.97
N ALA A 49 10.79 2.49 9.72
CA ALA A 49 11.68 1.96 8.68
C ALA A 49 13.13 2.20 9.08
N ARG A 50 13.39 3.37 9.64
CA ARG A 50 14.74 3.73 10.08
C ARG A 50 15.27 2.68 11.06
N ARG A 51 14.44 2.32 12.04
CA ARG A 51 14.86 1.35 13.04
C ARG A 51 15.01 -0.05 12.47
N MET A 52 14.12 -0.44 11.56
CA MET A 52 14.26 -1.75 10.95
C MET A 52 15.51 -1.77 10.09
N ASN A 53 15.78 -0.66 9.41
CA ASN A 53 16.96 -0.59 8.55
C ASN A 53 18.23 -0.77 9.36
N GLU A 54 18.29 -0.17 10.53
CA GLU A 54 19.48 -0.31 11.37
C GLU A 54 19.58 -1.74 11.92
N TYR A 55 18.43 -2.33 12.23
CA TYR A 55 18.40 -3.67 12.77
C TYR A 55 18.84 -4.72 11.75
N TYR A 56 18.42 -4.55 10.51
CA TYR A 56 18.74 -5.54 9.46
C TYR A 56 19.80 -5.14 8.44
N LYS A 57 20.59 -4.11 8.73
CA LYS A 57 21.58 -3.69 7.74
C LYS A 57 22.61 -4.75 7.37
N ASP A 58 22.88 -5.68 8.28
CA ASP A 58 23.87 -6.73 8.02
C ASP A 58 23.27 -8.09 7.73
N VAL A 59 21.97 -8.14 7.51
CA VAL A 59 21.33 -9.43 7.28
C VAL A 59 21.90 -10.11 6.03
N ALA A 60 22.14 -11.42 6.13
CA ALA A 60 22.74 -12.16 5.02
C ALA A 60 21.79 -12.98 4.16
N GLU A 61 20.50 -12.94 4.50
CA GLU A 61 19.46 -13.65 3.75
C GLU A 61 18.26 -12.71 3.79
N PRO A 62 17.46 -12.68 2.73
CA PRO A 62 16.31 -11.77 2.78
C PRO A 62 15.35 -12.07 3.92
N VAL A 63 14.86 -11.00 4.56
CA VAL A 63 13.92 -11.13 5.66
C VAL A 63 12.54 -11.42 5.07
N THR A 64 11.73 -12.19 5.78
CA THR A 64 10.39 -12.47 5.30
C THR A 64 9.41 -11.51 5.96
N LEU A 65 8.91 -10.54 5.18
CA LEU A 65 7.92 -9.59 5.69
C LEU A 65 6.57 -10.13 5.27
N VAL A 66 5.64 -10.20 6.22
CA VAL A 66 4.30 -10.69 5.92
C VAL A 66 3.30 -9.73 6.52
N ALA A 67 2.38 -9.25 5.70
CA ALA A 67 1.35 -8.32 6.17
C ALA A 67 0.01 -9.02 6.26
N LEU A 68 -0.77 -8.70 7.30
CA LEU A 68 -2.09 -9.30 7.46
C LEU A 68 -3.13 -8.43 6.71
N LEU A 69 -3.92 -9.02 5.80
CA LEU A 69 -4.98 -8.35 5.06
C LEU A 69 -6.10 -8.00 6.06
N THR A 70 -6.85 -6.92 5.82
CA THR A 70 -6.67 -6.11 4.61
C THR A 70 -6.11 -4.75 5.01
N GLY A 71 -6.44 -4.21 6.18
CA GLY A 71 -5.98 -2.88 6.55
C GLY A 71 -4.52 -2.46 6.54
N ALA A 72 -3.63 -3.42 6.74
CA ALA A 72 -2.19 -3.14 6.77
C ALA A 72 -1.60 -2.74 5.44
N TYR A 73 -2.37 -2.84 4.35
CA TYR A 73 -1.80 -2.51 3.04
C TYR A 73 -1.23 -1.10 2.95
N LEU A 74 -1.91 -0.13 3.56
CA LEU A 74 -1.45 1.25 3.50
C LEU A 74 -0.16 1.41 4.28
N TYR A 75 -0.19 1.02 5.56
CA TYR A 75 1.02 1.13 6.36
C TYR A 75 2.18 0.37 5.70
N ALA A 76 1.89 -0.81 5.18
CA ALA A 76 2.95 -1.60 4.56
C ALA A 76 3.56 -0.83 3.39
N SER A 77 2.72 -0.13 2.63
CA SER A 77 3.21 0.64 1.49
C SER A 77 4.08 1.81 1.95
N LEU A 78 3.74 2.40 3.10
CA LEU A 78 4.48 3.54 3.61
C LEU A 78 5.77 3.13 4.30
N LEU A 79 5.83 1.88 4.71
CA LEU A 79 7.01 1.36 5.39
C LEU A 79 8.00 0.78 4.40
N THR A 80 7.52 -0.14 3.57
CA THR A 80 8.42 -0.81 2.63
C THR A 80 9.19 0.08 1.66
N VAL A 81 8.61 1.20 1.25
CA VAL A 81 9.32 2.05 0.31
C VAL A 81 10.58 2.67 0.91
N HIS A 82 10.71 2.61 2.24
CA HIS A 82 11.88 3.17 2.89
C HIS A 82 12.85 2.14 3.41
N LEU A 83 12.53 0.85 3.24
CA LEU A 83 13.43 -0.20 3.74
C LEU A 83 14.62 -0.36 2.80
N THR A 84 15.79 -0.63 3.38
CA THR A 84 17.02 -0.72 2.59
C THR A 84 17.80 -2.01 2.70
N PHE A 85 17.18 -3.01 3.29
CA PHE A 85 17.81 -4.33 3.45
C PHE A 85 16.98 -5.28 2.61
N PRO A 86 17.53 -6.47 2.28
CA PRO A 86 16.75 -7.39 1.46
C PRO A 86 15.57 -8.05 2.16
N TYR A 87 14.45 -8.16 1.46
CA TYR A 87 13.30 -8.85 2.02
C TYR A 87 12.35 -9.24 0.92
N THR A 88 11.46 -10.17 1.25
CA THR A 88 10.39 -10.58 0.37
C THR A 88 9.18 -10.06 1.12
N LEU A 89 8.10 -9.83 0.39
CA LEU A 89 6.87 -9.36 1.00
C LEU A 89 5.69 -10.11 0.44
N HIS A 90 4.80 -10.54 1.32
CA HIS A 90 3.56 -11.15 0.88
C HIS A 90 2.51 -10.87 1.92
N PHE A 91 1.25 -11.01 1.52
CA PHE A 91 0.12 -10.75 2.39
C PHE A 91 -0.62 -12.05 2.65
N VAL A 92 -1.15 -12.19 3.85
CA VAL A 92 -1.91 -13.39 4.18
C VAL A 92 -3.21 -13.00 4.84
N LYS A 93 -4.23 -13.84 4.69
CA LYS A 93 -5.51 -13.61 5.31
C LYS A 93 -5.64 -14.53 6.53
N VAL A 94 -5.99 -13.98 7.67
CA VAL A 94 -6.18 -14.79 8.87
C VAL A 94 -7.59 -14.58 9.40
N SER A 95 -8.00 -15.42 10.34
CA SER A 95 -9.32 -15.32 10.96
C SER A 95 -9.11 -15.14 12.46
N SER A 96 -10.07 -14.52 13.12
CA SER A 96 -10.01 -14.31 14.56
C SER A 96 -11.12 -15.16 15.16
N TYR A 97 -10.76 -16.32 15.70
CA TYR A 97 -11.74 -17.23 16.28
C TYR A 97 -11.93 -17.01 17.78
N LYS A 98 -13.12 -16.55 18.17
CA LYS A 98 -13.42 -16.29 19.57
C LYS A 98 -13.95 -17.54 20.26
N GLY A 99 -13.08 -18.21 21.02
CA GLY A 99 -13.49 -19.39 21.75
C GLY A 99 -13.95 -19.03 23.15
N THR A 100 -14.43 -20.02 23.90
CA THR A 100 -14.89 -19.78 25.25
C THR A 100 -13.75 -19.47 26.21
N ARG A 101 -12.54 -19.87 25.85
CA ARG A 101 -11.39 -19.64 26.72
C ARG A 101 -10.36 -18.67 26.16
N GLN A 102 -10.31 -18.54 24.84
CA GLN A 102 -9.35 -17.62 24.24
C GLN A 102 -9.66 -17.31 22.78
N GLU A 103 -9.16 -16.18 22.30
CA GLU A 103 -9.36 -15.77 20.93
C GLU A 103 -8.06 -16.09 20.19
N SER A 104 -8.14 -16.93 19.18
CA SER A 104 -6.97 -17.33 18.42
C SER A 104 -6.99 -16.88 16.97
N VAL A 105 -5.80 -16.59 16.45
CA VAL A 105 -5.67 -16.18 15.06
C VAL A 105 -5.47 -17.45 14.25
N VAL A 106 -6.34 -17.66 13.27
CA VAL A 106 -6.27 -18.84 12.44
C VAL A 106 -5.63 -18.54 11.10
N PHE A 107 -4.49 -19.16 10.84
CA PHE A 107 -3.77 -18.97 9.58
C PHE A 107 -4.13 -20.07 8.61
N ASP A 108 -3.88 -19.81 7.33
CA ASP A 108 -4.09 -20.83 6.32
C ASP A 108 -2.98 -21.81 6.69
N GLU A 109 -3.21 -23.11 6.53
CA GLU A 109 -2.21 -24.09 6.90
C GLU A 109 -0.88 -23.91 6.15
N GLU A 110 -0.97 -23.73 4.84
CA GLU A 110 0.24 -23.57 4.04
C GLU A 110 0.99 -22.28 4.39
N ASP A 111 0.27 -21.19 4.62
CA ASP A 111 0.92 -19.93 4.99
C ASP A 111 1.71 -20.11 6.28
N LEU A 112 1.09 -20.76 7.26
CA LEU A 112 1.72 -21.00 8.55
C LEU A 112 2.94 -21.90 8.41
N LYS A 113 2.79 -22.97 7.63
CA LYS A 113 3.88 -23.90 7.42
C LYS A 113 5.09 -23.17 6.84
N GLN A 114 4.84 -22.31 5.86
CA GLN A 114 5.90 -21.55 5.23
C GLN A 114 6.60 -20.59 6.17
N LEU A 115 5.83 -19.81 6.92
CA LEU A 115 6.40 -18.84 7.85
C LEU A 115 7.29 -19.47 8.92
N LYS A 116 6.85 -20.60 9.47
CA LYS A 116 7.62 -21.26 10.51
C LYS A 116 9.03 -21.68 10.08
N GLU A 117 9.26 -21.74 8.78
CA GLU A 117 10.57 -22.14 8.26
C GLU A 117 11.60 -21.01 8.16
N LYS A 118 11.11 -19.77 8.15
CA LYS A 118 12.00 -18.61 8.01
C LYS A 118 12.59 -18.13 9.34
N ARG A 119 13.90 -17.83 9.34
CA ARG A 119 14.57 -17.36 10.55
C ARG A 119 14.13 -15.96 10.97
N GLU A 120 14.03 -15.06 10.00
CA GLU A 120 13.60 -13.71 10.29
C GLU A 120 12.26 -13.52 9.63
N VAL A 121 11.21 -13.42 10.45
CA VAL A 121 9.86 -13.24 9.95
C VAL A 121 9.24 -12.09 10.71
N VAL A 122 8.77 -11.08 9.99
CA VAL A 122 8.16 -9.92 10.62
C VAL A 122 6.73 -9.81 10.14
N LEU A 123 5.77 -9.91 11.05
CA LEU A 123 4.37 -9.79 10.70
C LEU A 123 3.96 -8.34 10.87
N ILE A 124 3.42 -7.77 9.80
CA ILE A 124 3.01 -6.38 9.78
C ILE A 124 1.52 -6.23 9.93
N ASP A 125 1.14 -5.29 10.80
CA ASP A 125 -0.24 -4.96 11.02
C ASP A 125 -0.22 -3.46 11.33
N GLU A 126 -1.18 -2.70 10.83
CA GLU A 126 -1.14 -1.27 11.11
C GLU A 126 -1.52 -0.94 12.55
N TYR A 127 -2.32 -1.82 13.17
CA TYR A 127 -2.76 -1.60 14.56
C TYR A 127 -2.82 -2.80 15.53
N VAL A 128 -1.97 -2.76 16.56
CA VAL A 128 -1.96 -3.78 17.60
C VAL A 128 -2.78 -3.17 18.73
N ASP A 129 -4.00 -3.64 18.89
CA ASP A 129 -4.95 -3.13 19.88
C ASP A 129 -5.01 -3.99 21.15
N SER A 130 -5.79 -5.07 21.09
CA SER A 130 -5.94 -5.97 22.22
C SER A 130 -4.69 -6.82 22.43
N GLY A 131 -3.97 -7.07 21.34
CA GLY A 131 -2.77 -7.87 21.45
C GLY A 131 -3.06 -9.35 21.43
N HIS A 132 -4.31 -9.73 21.70
CA HIS A 132 -4.70 -11.13 21.68
C HIS A 132 -4.15 -11.77 20.42
N THR A 133 -4.12 -10.98 19.35
CA THR A 133 -3.61 -11.46 18.07
C THR A 133 -2.14 -11.84 18.15
N ILE A 134 -1.31 -10.98 18.73
CA ILE A 134 0.11 -11.27 18.81
C ILE A 134 0.45 -12.36 19.82
N PHE A 135 -0.39 -12.52 20.85
CA PHE A 135 -0.14 -13.58 21.82
C PHE A 135 -0.35 -14.90 21.08
N SER A 136 -1.41 -14.92 20.26
CA SER A 136 -1.75 -16.10 19.48
C SER A 136 -0.74 -16.38 18.37
N ILE A 137 -0.29 -15.32 17.69
CA ILE A 137 0.67 -15.49 16.61
C ILE A 137 1.98 -16.02 17.18
N GLN A 138 2.41 -15.41 18.27
CA GLN A 138 3.65 -15.78 18.96
C GLN A 138 3.66 -17.25 19.34
N GLU A 139 2.54 -17.77 19.85
CA GLU A 139 2.51 -19.17 20.25
C GLU A 139 2.49 -20.12 19.06
N GLN A 140 2.15 -19.60 17.88
CA GLN A 140 2.13 -20.42 16.66
C GLN A 140 3.43 -20.27 15.89
N ILE A 141 4.07 -19.12 16.04
CA ILE A 141 5.33 -18.84 15.38
C ILE A 141 6.17 -18.15 16.44
N LYS A 142 6.80 -18.96 17.29
CA LYS A 142 7.57 -18.44 18.40
C LYS A 142 8.62 -17.36 18.09
N HIS A 143 9.27 -17.46 16.94
CA HIS A 143 10.31 -16.50 16.56
C HIS A 143 9.81 -15.27 15.80
N ALA A 144 8.52 -15.17 15.60
CA ALA A 144 7.98 -14.04 14.87
C ALA A 144 8.25 -12.70 15.52
N LYS A 145 8.50 -11.70 14.69
CA LYS A 145 8.68 -10.34 15.16
C LYS A 145 7.42 -9.64 14.67
N ILE A 146 7.09 -8.50 15.27
CA ILE A 146 5.88 -7.77 14.92
C ILE A 146 6.20 -6.36 14.49
N CYS A 147 5.46 -5.86 13.50
CA CYS A 147 5.67 -4.50 13.04
C CYS A 147 4.31 -3.84 12.93
N SER A 148 4.12 -2.71 13.61
CA SER A 148 2.84 -2.03 13.55
C SER A 148 3.01 -0.53 13.67
N CYS A 149 2.22 0.25 12.94
CA CYS A 149 2.39 1.69 13.04
C CYS A 149 2.02 2.17 14.44
N PHE A 150 0.89 1.67 14.93
CA PHE A 150 0.37 2.06 16.25
C PHE A 150 0.16 0.85 17.17
N VAL A 151 0.51 1.02 18.43
CA VAL A 151 0.33 -0.05 19.42
C VAL A 151 -0.39 0.59 20.59
N LYS A 152 -1.54 0.05 20.95
CA LYS A 152 -2.29 0.63 22.05
C LYS A 152 -1.56 0.67 23.39
N ASP A 153 -0.94 -0.43 23.79
CA ASP A 153 -0.24 -0.47 25.08
C ASP A 153 0.81 -1.57 25.07
N VAL A 154 2.06 -1.18 24.86
CA VAL A 154 3.16 -2.12 24.82
C VAL A 154 3.31 -2.91 26.12
N ASP A 155 3.23 -2.20 27.25
CA ASP A 155 3.36 -2.88 28.55
C ASP A 155 2.36 -4.00 28.66
N ALA A 156 1.11 -3.70 28.30
CA ALA A 156 0.07 -4.69 28.33
C ALA A 156 0.58 -5.90 27.55
N ILE A 157 1.22 -5.64 26.41
CA ILE A 157 1.77 -6.72 25.61
C ILE A 157 2.89 -7.41 26.37
N LYS A 158 3.80 -6.61 26.91
CA LYS A 158 4.93 -7.13 27.68
C LYS A 158 4.53 -7.95 28.90
N LYS A 159 3.32 -7.73 29.39
CA LYS A 159 2.83 -8.45 30.57
C LYS A 159 2.95 -9.96 30.40
N HIS A 160 2.70 -10.44 29.19
CA HIS A 160 2.78 -11.87 28.90
C HIS A 160 4.24 -12.32 28.81
N SER A 161 4.63 -13.19 29.73
CA SER A 161 6.00 -13.69 29.77
C SER A 161 6.44 -14.29 28.44
N ALA A 162 5.48 -14.78 27.67
CA ALA A 162 5.77 -15.38 26.37
C ALA A 162 6.13 -14.32 25.35
N LEU A 163 5.53 -13.13 25.51
CA LEU A 163 5.76 -12.02 24.58
C LEU A 163 6.87 -11.10 25.08
N ALA A 164 7.42 -11.41 26.25
CA ALA A 164 8.48 -10.59 26.84
C ALA A 164 9.72 -10.46 25.97
N ASP A 165 10.00 -11.49 25.17
CA ASP A 165 11.18 -11.50 24.31
C ASP A 165 10.86 -11.09 22.87
N THR A 166 9.57 -11.10 22.53
CA THR A 166 9.15 -10.76 21.17
C THR A 166 9.50 -9.35 20.72
N LYS A 167 10.30 -9.27 19.67
CA LYS A 167 10.73 -8.00 19.10
C LYS A 167 9.61 -7.32 18.32
N MET A 168 9.31 -6.08 18.67
CA MET A 168 8.27 -5.31 17.99
C MET A 168 8.84 -4.00 17.44
N PHE A 169 8.58 -3.75 16.16
CA PHE A 169 9.02 -2.51 15.52
C PHE A 169 7.75 -1.69 15.35
N TYR A 170 7.58 -0.63 16.13
CA TYR A 170 6.35 0.15 15.99
C TYR A 170 6.62 1.64 15.88
N GLY A 171 5.63 2.36 15.36
CA GLY A 171 5.78 3.78 15.17
C GLY A 171 5.42 4.63 16.35
N TYR A 172 4.35 4.26 17.04
CA TYR A 172 3.89 5.07 18.17
C TYR A 172 3.02 4.29 19.14
N THR A 173 3.14 4.64 20.42
CA THR A 173 2.36 4.02 21.49
C THR A 173 2.40 5.05 22.63
N PRO A 174 1.38 5.09 23.49
CA PRO A 174 0.16 4.30 23.53
C PRO A 174 -0.95 4.98 22.75
N MET A 175 -2.08 4.32 22.61
CA MET A 175 -3.23 4.90 21.92
C MET A 175 -4.29 5.01 23.02
N PRO A 176 -5.25 5.93 22.84
CA PRO A 176 -6.31 6.16 23.81
C PRO A 176 -7.29 5.02 24.06
N LYS A 177 -7.61 4.78 25.33
CA LYS A 177 -8.57 3.77 25.67
C LYS A 177 -9.90 4.34 25.21
N GLY A 178 -10.81 3.49 24.75
CA GLY A 178 -12.12 3.96 24.33
C GLY A 178 -12.20 4.54 22.93
N SER A 179 -11.10 4.50 22.18
CA SER A 179 -11.14 5.03 20.84
C SER A 179 -11.57 3.95 19.85
N TRP A 180 -12.04 4.36 18.69
CA TRP A 180 -12.38 3.44 17.62
C TRP A 180 -11.84 4.13 16.39
N LEU A 181 -10.84 3.52 15.79
CA LEU A 181 -10.16 4.09 14.65
C LEU A 181 -10.67 3.70 13.27
N ILE A 182 -10.69 4.67 12.36
CA ILE A 182 -11.06 4.40 10.98
C ILE A 182 -10.12 5.25 10.14
N GLY A 183 -9.83 4.82 8.93
CA GLY A 183 -8.91 5.59 8.11
C GLY A 183 -7.53 4.97 8.21
N PHE A 184 -6.57 5.53 7.48
CA PHE A 184 -5.21 4.99 7.45
C PHE A 184 -5.23 3.48 7.16
N GLY A 185 -6.15 3.10 6.27
CA GLY A 185 -6.31 1.71 5.86
C GLY A 185 -7.33 0.91 6.66
N LEU A 186 -7.68 1.42 7.86
CA LEU A 186 -8.66 0.76 8.72
C LEU A 186 -10.04 1.12 8.19
N ASP A 187 -10.95 0.14 8.15
CA ASP A 187 -12.27 0.37 7.59
C ASP A 187 -13.32 0.86 8.57
N ASP A 188 -14.31 1.54 8.02
CA ASP A 188 -15.44 2.03 8.80
C ASP A 188 -16.57 1.17 8.23
N ASN A 189 -16.76 0.01 8.85
CA ASN A 189 -17.76 -0.94 8.39
C ASN A 189 -17.54 -1.20 6.91
N GLY A 190 -16.28 -1.46 6.56
CA GLY A 190 -15.93 -1.75 5.18
C GLY A 190 -15.52 -0.59 4.31
N LEU A 191 -15.99 0.60 4.66
CA LEU A 191 -15.72 1.79 3.86
C LEU A 191 -14.58 2.65 4.38
N ARG A 192 -14.27 3.68 3.60
CA ARG A 192 -13.27 4.68 3.96
C ARG A 192 -11.85 4.24 4.32
N ARG A 193 -11.41 3.09 3.81
CA ARG A 193 -10.04 2.66 4.12
C ARG A 193 -9.03 3.67 3.58
N GLY A 194 -9.35 4.28 2.45
CA GLY A 194 -8.47 5.26 1.83
C GLY A 194 -8.50 6.64 2.46
N TRP A 195 -9.32 6.83 3.48
CA TRP A 195 -9.31 8.11 4.19
C TRP A 195 -7.95 8.00 4.88
N ALA A 196 -6.92 8.63 4.30
CA ALA A 196 -5.56 8.43 4.79
C ALA A 196 -5.20 8.92 6.18
N HIS A 197 -5.89 9.95 6.65
CA HIS A 197 -5.62 10.44 7.99
C HIS A 197 -6.18 9.40 8.95
N LEU A 198 -5.62 9.32 10.15
CA LEU A 198 -6.12 8.38 11.13
C LEU A 198 -7.21 9.12 11.92
N PHE A 199 -8.44 8.64 11.83
CA PHE A 199 -9.54 9.26 12.56
C PHE A 199 -10.02 8.36 13.68
N ASP A 200 -10.66 8.98 14.65
CA ASP A 200 -11.28 8.27 15.76
C ASP A 200 -12.75 8.70 15.72
N ILE A 201 -13.65 7.84 16.20
CA ILE A 201 -15.06 8.21 16.21
C ILE A 201 -15.69 8.05 17.59
N ASN A 202 -14.89 7.68 18.58
CA ASN A 202 -15.47 7.45 19.90
C ASN A 202 -14.92 8.26 21.07
N LEU A 203 -13.89 9.07 20.83
CA LEU A 203 -13.29 9.88 21.90
C LEU A 203 -13.93 11.25 22.08
N SER A 204 -13.72 11.85 23.24
CA SER A 204 -14.25 13.18 23.53
C SER A 204 -13.25 14.18 22.98
N GLU A 205 -13.68 15.41 22.80
CA GLU A 205 -12.79 16.45 22.28
C GLU A 205 -11.52 16.58 23.10
N SER A 206 -11.64 16.63 24.42
CA SER A 206 -10.47 16.78 25.27
C SER A 206 -9.50 15.61 25.12
N GLU A 207 -10.05 14.41 24.92
CA GLU A 207 -9.22 13.23 24.75
C GLU A 207 -8.43 13.32 23.45
N VAL A 208 -9.09 13.77 22.40
CA VAL A 208 -8.46 13.94 21.10
C VAL A 208 -7.39 15.02 21.19
N THR A 209 -7.73 16.13 21.85
CA THR A 209 -6.78 17.23 22.01
C THR A 209 -5.56 16.75 22.79
N GLU A 210 -5.76 15.93 23.82
CA GLU A 210 -4.63 15.43 24.61
C GLU A 210 -3.78 14.44 23.83
N PHE A 211 -4.43 13.57 23.05
CA PHE A 211 -3.67 12.62 22.26
C PHE A 211 -2.76 13.38 21.30
N ARG A 212 -3.33 14.38 20.63
CA ARG A 212 -2.54 15.16 19.68
C ARG A 212 -1.45 15.97 20.33
N ARG A 213 -1.66 16.40 21.57
CA ARG A 213 -0.62 17.16 22.25
C ARG A 213 0.61 16.25 22.39
N ARG A 214 0.38 15.01 22.80
CA ARG A 214 1.47 14.06 22.98
C ARG A 214 2.07 13.60 21.66
N LEU A 215 1.23 13.35 20.66
CA LEU A 215 1.74 12.91 19.36
C LEU A 215 2.62 13.93 18.67
N THR A 216 2.15 15.18 18.60
CA THR A 216 2.90 16.22 17.92
C THR A 216 4.25 16.44 18.59
N GLU A 217 4.30 16.32 19.91
CA GLU A 217 5.53 16.53 20.63
C GLU A 217 6.52 15.43 20.25
N HIS A 218 6.00 14.20 20.13
CA HIS A 218 6.83 13.06 19.74
C HIS A 218 7.37 13.24 18.33
N ILE A 219 6.50 13.60 17.40
CA ILE A 219 6.90 13.77 16.02
C ILE A 219 7.90 14.90 15.82
N LYS A 220 7.74 15.98 16.58
CA LYS A 220 8.67 17.10 16.46
C LYS A 220 10.08 16.72 16.90
N GLY A 221 10.18 15.67 17.72
CA GLY A 221 11.49 15.24 18.21
C GLY A 221 12.18 14.18 17.37
N LEU A 222 11.54 13.78 16.26
CA LEU A 222 12.10 12.76 15.40
C LEU A 222 13.30 13.20 14.58
N ASN A 223 14.17 12.26 14.25
CA ASN A 223 15.34 12.52 13.43
C ASN A 223 15.24 11.53 12.28
N ILE A 224 14.49 11.89 11.26
CA ILE A 224 14.32 11.01 10.11
C ILE A 224 14.75 11.66 8.80
N ASN A 225 15.45 12.78 8.90
CA ASN A 225 15.92 13.47 7.70
C ASN A 225 16.74 12.46 6.90
N GLY A 226 16.46 12.35 5.61
CA GLY A 226 17.20 11.41 4.79
C GLY A 226 16.60 10.02 4.65
N VAL A 227 15.72 9.62 5.56
CA VAL A 227 15.12 8.28 5.46
C VAL A 227 14.32 8.24 4.16
N ASN A 228 13.57 9.29 3.90
CA ASN A 228 12.80 9.38 2.68
C ASN A 228 13.72 9.87 1.56
N ARG A 229 13.98 8.99 0.59
CA ARG A 229 14.86 9.28 -0.53
C ARG A 229 14.13 9.74 -1.80
N TYR A 230 12.81 9.80 -1.75
CA TYR A 230 12.03 10.14 -2.94
C TYR A 230 11.70 11.60 -3.19
N MET B 1 16.03 14.22 -18.71
CA MET B 1 17.11 14.45 -17.71
C MET B 1 16.56 14.79 -16.34
N ILE B 2 15.28 15.12 -16.26
CA ILE B 2 14.68 15.48 -14.99
C ILE B 2 13.37 14.78 -14.68
N CYS B 3 13.01 14.78 -13.41
CA CYS B 3 11.74 14.20 -12.97
C CYS B 3 10.68 15.18 -13.46
N SER B 4 9.67 14.68 -14.17
CA SER B 4 8.63 15.56 -14.73
C SER B 4 7.67 16.10 -13.68
N VAL B 5 7.79 15.62 -12.45
CA VAL B 5 6.97 16.12 -11.38
C VAL B 5 7.78 17.10 -10.54
N THR B 6 8.89 16.66 -9.97
CA THR B 6 9.70 17.49 -9.10
C THR B 6 10.61 18.50 -9.80
N GLY B 7 11.04 18.17 -11.02
CA GLY B 7 11.95 19.05 -11.74
C GLY B 7 13.41 18.75 -11.39
N LYS B 8 13.62 17.81 -10.47
CA LYS B 8 14.97 17.45 -10.05
C LYS B 8 15.66 16.53 -11.05
N PRO B 9 16.97 16.74 -11.28
CA PRO B 9 17.72 15.89 -12.22
C PRO B 9 17.59 14.41 -11.82
N VAL B 10 17.33 13.55 -12.79
CA VAL B 10 17.20 12.13 -12.51
C VAL B 10 18.50 11.59 -11.90
N LYS B 11 19.63 12.12 -12.33
CA LYS B 11 20.91 11.67 -11.80
C LYS B 11 20.94 11.79 -10.28
N ASP B 12 20.41 12.90 -9.78
CA ASP B 12 20.40 13.17 -8.36
C ASP B 12 19.32 12.35 -7.66
N VAL B 13 18.19 12.14 -8.33
CA VAL B 13 17.14 11.32 -7.74
C VAL B 13 17.75 9.94 -7.50
N LEU B 14 18.50 9.45 -8.48
CA LEU B 14 19.13 8.12 -8.38
C LEU B 14 20.26 8.07 -7.36
N SER B 15 21.08 9.12 -7.30
CA SER B 15 22.17 9.14 -6.33
C SER B 15 21.60 9.11 -4.92
N THR B 16 20.54 9.87 -4.70
CA THR B 16 19.89 9.89 -3.39
C THR B 16 19.33 8.50 -3.11
N PHE B 17 18.71 7.89 -4.12
CA PHE B 17 18.13 6.57 -3.91
C PHE B 17 19.13 5.50 -3.52
N PHE B 18 20.27 5.51 -4.20
CA PHE B 18 21.28 4.48 -3.99
C PHE B 18 22.32 4.69 -2.91
N LYS B 19 22.35 5.88 -2.31
CA LYS B 19 23.33 6.17 -1.27
C LYS B 19 23.17 5.28 -0.05
N ASP B 20 24.23 4.56 0.28
CA ASP B 20 24.26 3.68 1.45
C ASP B 20 23.09 2.73 1.62
N ARG B 21 22.82 1.93 0.61
CA ARG B 21 21.76 0.95 0.70
C ARG B 21 22.41 -0.37 1.11
N ASN B 22 21.60 -1.27 1.64
CA ASN B 22 22.09 -2.58 2.04
C ASN B 22 21.34 -3.68 1.29
N ASP B 23 20.77 -3.32 0.15
CA ASP B 23 19.99 -4.28 -0.63
C ASP B 23 20.35 -4.34 -2.12
N VAL B 24 21.57 -3.93 -2.43
CA VAL B 24 22.08 -3.93 -3.78
C VAL B 24 23.58 -3.66 -3.68
N LEU B 25 24.34 -4.32 -4.55
CA LEU B 25 25.79 -4.14 -4.58
C LEU B 25 26.13 -2.96 -5.46
N GLU B 26 27.26 -2.32 -5.19
CA GLU B 26 27.66 -1.20 -5.98
C GLU B 26 27.76 -1.54 -7.46
N SER B 27 28.25 -2.74 -7.77
CA SER B 27 28.40 -3.16 -9.16
C SER B 27 27.05 -3.42 -9.84
N GLU B 28 26.03 -3.64 -9.02
CA GLU B 28 24.69 -3.93 -9.51
C GLU B 28 23.84 -2.69 -9.74
N VAL B 29 24.26 -1.57 -9.17
CA VAL B 29 23.47 -0.35 -9.32
C VAL B 29 23.15 0.00 -10.77
N LYS B 30 24.13 -0.14 -11.64
CA LYS B 30 23.92 0.20 -13.05
C LYS B 30 22.96 -0.72 -13.80
N LYS B 31 22.57 -1.83 -13.18
CA LYS B 31 21.63 -2.76 -13.80
C LYS B 31 20.22 -2.21 -13.83
N PHE B 32 19.93 -1.26 -12.94
CA PHE B 32 18.60 -0.70 -12.84
C PHE B 32 18.39 0.61 -13.57
N HIS B 33 17.52 0.57 -14.58
CA HIS B 33 17.25 1.75 -15.40
C HIS B 33 15.95 2.40 -14.97
N LEU B 34 16.02 3.67 -14.56
CA LEU B 34 14.81 4.34 -14.10
C LEU B 34 13.87 4.67 -15.26
N LEU B 35 12.65 4.17 -15.17
CA LEU B 35 11.63 4.44 -16.18
C LEU B 35 10.71 5.54 -15.69
N ALA B 36 10.32 5.47 -14.43
CA ALA B 36 9.44 6.50 -13.87
C ALA B 36 9.79 6.70 -12.41
N THR B 37 10.00 7.94 -11.99
CA THR B 37 10.31 8.18 -10.58
C THR B 37 9.05 7.90 -9.75
N PHE B 38 9.22 7.72 -8.45
CA PHE B 38 8.07 7.47 -7.57
C PHE B 38 7.08 8.62 -7.69
N GLU B 39 7.57 9.86 -7.69
CA GLU B 39 6.68 11.00 -7.83
C GLU B 39 5.90 10.96 -9.14
N GLU B 40 6.54 10.53 -10.23
CA GLU B 40 5.82 10.44 -11.51
C GLU B 40 4.77 9.35 -11.41
N CYS B 41 5.10 8.24 -10.77
CA CYS B 41 4.12 7.16 -10.61
C CYS B 41 2.95 7.69 -9.77
N LYS B 42 3.25 8.47 -8.74
CA LYS B 42 2.21 9.01 -7.89
C LYS B 42 1.30 9.95 -8.67
N ALA B 43 1.86 10.67 -9.63
CA ALA B 43 1.05 11.57 -10.46
C ALA B 43 0.13 10.76 -11.37
N LEU B 44 0.65 9.67 -11.93
CA LEU B 44 -0.16 8.82 -12.80
C LEU B 44 -1.29 8.21 -11.99
N ALA B 45 -1.00 7.82 -10.76
CA ALA B 45 -1.99 7.20 -9.89
C ALA B 45 -3.06 8.25 -9.52
N ALA B 46 -2.62 9.49 -9.29
CA ALA B 46 -3.55 10.55 -8.94
C ALA B 46 -4.46 10.81 -10.14
N ASP B 47 -3.91 10.69 -11.35
CA ASP B 47 -4.72 10.91 -12.53
C ASP B 47 -5.79 9.82 -12.65
N THR B 48 -5.42 8.57 -12.37
CA THR B 48 -6.39 7.50 -12.46
C THR B 48 -7.45 7.66 -11.37
N ALA B 49 -7.06 8.18 -10.22
CA ALA B 49 -8.02 8.39 -9.14
C ALA B 49 -9.02 9.47 -9.58
N ARG B 50 -8.50 10.53 -10.18
CA ARG B 50 -9.35 11.63 -10.64
C ARG B 50 -10.42 11.09 -11.60
N ARG B 51 -9.99 10.28 -12.55
CA ARG B 51 -10.95 9.72 -13.51
C ARG B 51 -11.96 8.78 -12.88
N MET B 52 -11.54 8.00 -11.90
CA MET B 52 -12.46 7.08 -11.23
C MET B 52 -13.41 7.90 -10.37
N ASN B 53 -12.92 8.98 -9.79
CA ASN B 53 -13.78 9.80 -8.95
C ASN B 53 -14.93 10.38 -9.76
N GLU B 54 -14.61 10.81 -10.98
CA GLU B 54 -15.60 11.40 -11.87
C GLU B 54 -16.59 10.32 -12.32
N TYR B 55 -16.05 9.15 -12.67
CA TYR B 55 -16.89 8.05 -13.12
C TYR B 55 -17.91 7.63 -12.07
N TYR B 56 -17.44 7.47 -10.84
CA TYR B 56 -18.29 7.01 -9.74
C TYR B 56 -18.86 8.10 -8.82
N LYS B 57 -18.82 9.36 -9.25
CA LYS B 57 -19.30 10.45 -8.41
C LYS B 57 -20.74 10.30 -7.91
N ASP B 58 -21.57 9.59 -8.66
CA ASP B 58 -22.97 9.42 -8.26
C ASP B 58 -23.33 7.96 -7.94
N VAL B 59 -22.33 7.13 -7.69
CA VAL B 59 -22.61 5.73 -7.40
C VAL B 59 -23.54 5.62 -6.20
N ALA B 60 -24.50 4.71 -6.28
CA ALA B 60 -25.50 4.52 -5.23
C ALA B 60 -25.20 3.45 -4.20
N GLU B 61 -24.17 2.64 -4.47
CA GLU B 61 -23.76 1.58 -3.56
C GLU B 61 -22.26 1.53 -3.61
N PRO B 62 -21.60 0.99 -2.58
CA PRO B 62 -20.14 0.95 -2.63
C PRO B 62 -19.61 0.13 -3.78
N VAL B 63 -18.55 0.63 -4.40
CA VAL B 63 -17.89 -0.05 -5.51
C VAL B 63 -17.01 -1.12 -4.88
N THR B 64 -16.88 -2.26 -5.54
CA THR B 64 -16.04 -3.33 -5.00
C THR B 64 -14.65 -3.28 -5.64
N LEU B 65 -13.66 -2.85 -4.87
CA LEU B 65 -12.30 -2.80 -5.40
C LEU B 65 -11.57 -4.08 -4.96
N VAL B 66 -10.95 -4.75 -5.93
CA VAL B 66 -10.22 -5.99 -5.69
C VAL B 66 -8.82 -5.84 -6.25
N ALA B 67 -7.81 -5.84 -5.39
CA ALA B 67 -6.42 -5.69 -5.83
C ALA B 67 -5.72 -7.03 -5.92
N LEU B 68 -4.96 -7.23 -6.99
CA LEU B 68 -4.26 -8.49 -7.20
C LEU B 68 -2.90 -8.50 -6.50
N LEU B 69 -2.79 -9.38 -5.53
CA LEU B 69 -1.55 -9.56 -4.79
C LEU B 69 -0.47 -10.16 -5.69
N THR B 70 0.80 -9.90 -5.42
CA THR B 70 1.27 -9.07 -4.30
C THR B 70 1.57 -7.62 -4.73
N GLY B 71 2.10 -7.52 -5.94
CA GLY B 71 2.55 -6.26 -6.49
C GLY B 71 1.63 -5.05 -6.44
N ALA B 72 0.33 -5.29 -6.53
CA ALA B 72 -0.61 -4.16 -6.53
C ALA B 72 -0.76 -3.41 -5.22
N TYR B 73 -0.16 -3.90 -4.13
CA TYR B 73 -0.34 -3.23 -2.85
C TYR B 73 0.08 -1.76 -2.82
N LEU B 74 1.18 -1.44 -3.51
CA LEU B 74 1.67 -0.07 -3.49
C LEU B 74 0.76 0.82 -4.32
N TYR B 75 0.52 0.42 -5.56
CA TYR B 75 -0.36 1.21 -6.40
C TYR B 75 -1.73 1.39 -5.73
N ALA B 76 -2.27 0.32 -5.15
CA ALA B 76 -3.57 0.41 -4.48
C ALA B 76 -3.52 1.45 -3.38
N SER B 77 -2.41 1.51 -2.66
CA SER B 77 -2.29 2.50 -1.58
C SER B 77 -2.21 3.91 -2.15
N LEU B 78 -1.63 4.07 -3.34
CA LEU B 78 -1.50 5.39 -3.92
C LEU B 78 -2.79 5.83 -4.59
N LEU B 79 -3.60 4.86 -4.98
CA LEU B 79 -4.87 5.13 -5.64
C LEU B 79 -6.00 5.38 -4.65
N THR B 80 -6.21 4.43 -3.74
CA THR B 80 -7.32 4.55 -2.80
C THR B 80 -7.31 5.78 -1.92
N VAL B 81 -6.14 6.29 -1.53
CA VAL B 81 -6.16 7.46 -0.65
C VAL B 81 -6.73 8.70 -1.31
N HIS B 82 -6.89 8.68 -2.65
CA HIS B 82 -7.42 9.82 -3.37
C HIS B 82 -8.84 9.63 -3.88
N LEU B 83 -9.41 8.45 -3.64
CA LEU B 83 -10.77 8.16 -4.09
C LEU B 83 -11.76 8.87 -3.17
N THR B 84 -12.84 9.38 -3.76
CA THR B 84 -13.82 10.13 -2.98
C THR B 84 -15.24 9.59 -3.04
N PHE B 85 -15.39 8.39 -3.58
CA PHE B 85 -16.71 7.74 -3.64
C PHE B 85 -16.62 6.50 -2.74
N PRO B 86 -17.77 5.94 -2.36
CA PRO B 86 -17.76 4.76 -1.49
C PRO B 86 -17.31 3.45 -2.13
N TYR B 87 -16.47 2.70 -1.42
CA TYR B 87 -15.99 1.41 -1.93
C TYR B 87 -15.46 0.55 -0.79
N THR B 88 -15.35 -0.74 -1.07
CA THR B 88 -14.75 -1.69 -0.14
C THR B 88 -13.48 -2.09 -0.89
N LEU B 89 -12.49 -2.57 -0.16
CA LEU B 89 -11.25 -3.00 -0.76
C LEU B 89 -10.80 -4.31 -0.18
N HIS B 90 -10.40 -5.23 -1.04
CA HIS B 90 -9.81 -6.46 -0.55
C HIS B 90 -8.86 -6.98 -1.59
N PHE B 91 -7.97 -7.86 -1.14
CA PHE B 91 -6.94 -8.42 -2.00
C PHE B 91 -7.18 -9.90 -2.22
N VAL B 92 -6.84 -10.37 -3.40
CA VAL B 92 -6.99 -11.78 -3.73
C VAL B 92 -5.65 -12.28 -4.23
N LYS B 93 -5.31 -13.51 -3.85
CA LYS B 93 -4.03 -14.14 -4.20
C LYS B 93 -4.19 -15.23 -5.24
N VAL B 94 -4.78 -14.86 -6.36
CA VAL B 94 -5.01 -15.79 -7.46
C VAL B 94 -3.77 -16.56 -7.87
N SER B 95 -4.00 -17.60 -8.67
CA SER B 95 -2.93 -18.44 -9.18
C SER B 95 -2.94 -18.34 -10.70
N SER B 96 -1.75 -18.46 -11.29
CA SER B 96 -1.65 -18.39 -12.74
C SER B 96 -1.35 -19.80 -13.23
N TYR B 97 -2.40 -20.54 -13.59
CA TYR B 97 -2.24 -21.91 -14.06
C TYR B 97 -1.95 -21.99 -15.56
N LYS B 98 -0.73 -22.44 -15.89
CA LYS B 98 -0.33 -22.56 -17.29
C LYS B 98 -0.73 -23.92 -17.86
N GLY B 99 -1.82 -23.93 -18.63
CA GLY B 99 -2.29 -25.17 -19.24
C GLY B 99 -1.72 -25.34 -20.62
N THR B 100 -1.95 -26.50 -21.23
CA THR B 100 -1.44 -26.76 -22.57
C THR B 100 -2.13 -25.92 -23.64
N ARG B 101 -3.30 -25.38 -23.31
CA ARG B 101 -4.05 -24.56 -24.27
C ARG B 101 -4.17 -23.09 -23.88
N GLN B 102 -4.19 -22.81 -22.58
CA GLN B 102 -4.30 -21.43 -22.14
C GLN B 102 -3.87 -21.25 -20.68
N GLU B 103 -3.54 -20.01 -20.33
CA GLU B 103 -3.14 -19.69 -18.97
C GLU B 103 -4.33 -19.02 -18.28
N SER B 104 -4.87 -19.67 -17.25
CA SER B 104 -6.02 -19.13 -16.54
C SER B 104 -5.71 -18.67 -15.11
N VAL B 105 -6.43 -17.64 -14.68
CA VAL B 105 -6.27 -17.10 -13.35
C VAL B 105 -7.25 -17.82 -12.44
N VAL B 106 -6.71 -18.54 -11.45
CA VAL B 106 -7.54 -19.29 -10.52
C VAL B 106 -7.84 -18.50 -9.25
N PHE B 107 -9.11 -18.19 -9.03
CA PHE B 107 -9.53 -17.47 -7.83
C PHE B 107 -9.96 -18.43 -6.75
N ASP B 108 -10.02 -17.95 -5.52
CA ASP B 108 -10.50 -18.77 -4.42
C ASP B 108 -11.97 -18.88 -4.81
N GLU B 109 -12.62 -19.99 -4.49
CA GLU B 109 -14.01 -20.18 -4.86
C GLU B 109 -14.91 -19.12 -4.23
N GLU B 110 -14.72 -18.87 -2.95
CA GLU B 110 -15.54 -17.91 -2.24
C GLU B 110 -15.30 -16.48 -2.75
N ASP B 111 -14.06 -16.15 -3.06
CA ASP B 111 -13.76 -14.81 -3.56
C ASP B 111 -14.47 -14.58 -4.89
N LEU B 112 -14.44 -15.60 -5.76
CA LEU B 112 -15.08 -15.51 -7.06
C LEU B 112 -16.59 -15.42 -6.92
N LYS B 113 -17.15 -16.22 -6.02
CA LYS B 113 -18.58 -16.21 -5.79
C LYS B 113 -19.05 -14.83 -5.35
N GLN B 114 -18.29 -14.23 -4.44
CA GLN B 114 -18.62 -12.91 -3.93
C GLN B 114 -18.58 -11.82 -4.99
N LEU B 115 -17.50 -11.79 -5.75
CA LEU B 115 -17.33 -10.78 -6.79
C LEU B 115 -18.43 -10.79 -7.85
N LYS B 116 -18.80 -11.98 -8.31
CA LYS B 116 -19.82 -12.11 -9.34
C LYS B 116 -21.18 -11.49 -8.97
N GLU B 117 -21.37 -11.22 -7.69
CA GLU B 117 -22.62 -10.64 -7.22
C GLU B 117 -22.68 -9.11 -7.26
N LYS B 118 -21.51 -8.48 -7.28
CA LYS B 118 -21.42 -7.02 -7.29
C LYS B 118 -21.56 -6.41 -8.69
N ARG B 119 -22.33 -5.34 -8.80
CA ARG B 119 -22.53 -4.68 -10.08
C ARG B 119 -21.29 -3.92 -10.54
N GLU B 120 -20.59 -3.32 -9.58
CA GLU B 120 -19.38 -2.57 -9.88
C GLU B 120 -18.19 -3.22 -9.21
N VAL B 121 -17.34 -3.84 -10.02
CA VAL B 121 -16.15 -4.52 -9.55
C VAL B 121 -14.99 -3.97 -10.37
N VAL B 122 -13.94 -3.53 -9.67
CA VAL B 122 -12.78 -2.99 -10.36
C VAL B 122 -11.57 -3.74 -9.85
N LEU B 123 -10.88 -4.41 -10.77
CA LEU B 123 -9.68 -5.17 -10.46
C LEU B 123 -8.51 -4.20 -10.57
N ILE B 124 -7.70 -4.13 -9.51
CA ILE B 124 -6.57 -3.22 -9.48
C ILE B 124 -5.27 -3.98 -9.64
N ASP B 125 -4.44 -3.48 -10.56
CA ASP B 125 -3.15 -4.07 -10.84
C ASP B 125 -2.20 -2.93 -11.11
N GLU B 126 -0.94 -3.07 -10.71
CA GLU B 126 0.00 -1.98 -10.97
C GLU B 126 0.50 -2.09 -12.42
N TYR B 127 0.45 -3.31 -12.98
CA TYR B 127 0.90 -3.53 -14.34
C TYR B 127 0.22 -4.65 -15.12
N VAL B 128 -0.52 -4.27 -16.15
CA VAL B 128 -1.20 -5.24 -17.03
C VAL B 128 -0.26 -5.41 -18.22
N ASP B 129 0.37 -6.58 -18.29
CA ASP B 129 1.34 -6.90 -19.34
C ASP B 129 0.80 -7.88 -20.40
N SER B 130 0.99 -9.18 -20.18
CA SER B 130 0.52 -10.16 -21.15
C SER B 130 -0.99 -10.07 -21.36
N GLY B 131 -1.71 -9.62 -20.35
CA GLY B 131 -3.15 -9.49 -20.48
C GLY B 131 -3.87 -10.82 -20.33
N HIS B 132 -3.14 -11.92 -20.50
CA HIS B 132 -3.73 -13.24 -20.37
C HIS B 132 -4.59 -13.28 -19.11
N THR B 133 -4.13 -12.55 -18.09
CA THR B 133 -4.83 -12.49 -16.82
C THR B 133 -6.21 -11.84 -16.95
N ILE B 134 -6.29 -10.73 -17.67
CA ILE B 134 -7.57 -10.04 -17.83
C ILE B 134 -8.50 -10.72 -18.83
N PHE B 135 -7.94 -11.53 -19.72
CA PHE B 135 -8.79 -12.24 -20.66
C PHE B 135 -9.48 -13.31 -19.85
N SER B 136 -8.74 -13.88 -18.90
CA SER B 136 -9.22 -14.94 -18.03
C SER B 136 -10.16 -14.41 -16.96
N ILE B 137 -9.83 -13.26 -16.39
CA ILE B 137 -10.69 -12.69 -15.36
C ILE B 137 -12.04 -12.29 -15.94
N GLN B 138 -12.02 -11.62 -17.09
CA GLN B 138 -13.27 -11.19 -17.69
C GLN B 138 -14.16 -12.37 -18.11
N GLU B 139 -13.58 -13.53 -18.42
CA GLU B 139 -14.42 -14.65 -18.78
C GLU B 139 -14.99 -15.32 -17.52
N GLN B 140 -14.45 -14.95 -16.36
CA GLN B 140 -14.92 -15.48 -15.08
C GLN B 140 -15.79 -14.43 -14.38
N ILE B 141 -15.46 -13.16 -14.59
CA ILE B 141 -16.19 -12.02 -14.03
C ILE B 141 -16.31 -11.03 -15.18
N LYS B 142 -17.20 -11.34 -16.11
CA LYS B 142 -17.42 -10.52 -17.31
C LYS B 142 -17.68 -9.03 -17.14
N HIS B 143 -18.27 -8.65 -16.01
CA HIS B 143 -18.57 -7.24 -15.78
C HIS B 143 -17.43 -6.50 -15.07
N ALA B 144 -16.37 -7.22 -14.74
CA ALA B 144 -15.24 -6.63 -14.06
C ALA B 144 -14.54 -5.55 -14.88
N LYS B 145 -14.20 -4.45 -14.22
CA LYS B 145 -13.49 -3.37 -14.87
C LYS B 145 -12.05 -3.50 -14.41
N ILE B 146 -11.13 -2.86 -15.12
CA ILE B 146 -9.72 -2.94 -14.75
C ILE B 146 -9.13 -1.56 -14.45
N CYS B 147 -8.22 -1.53 -13.48
CA CYS B 147 -7.56 -0.29 -13.13
C CYS B 147 -6.10 -0.67 -12.92
N SER B 148 -5.24 -0.16 -13.80
CA SER B 148 -3.81 -0.46 -13.73
C SER B 148 -2.98 0.80 -13.96
N CYS B 149 -1.95 0.99 -13.15
CA CYS B 149 -1.15 2.20 -13.30
C CYS B 149 -0.49 2.21 -14.67
N PHE B 150 0.13 1.08 -15.02
CA PHE B 150 0.80 0.93 -16.31
C PHE B 150 0.21 -0.21 -17.13
N VAL B 151 0.19 -0.03 -18.45
CA VAL B 151 -0.31 -1.06 -19.35
C VAL B 151 0.71 -1.20 -20.48
N LYS B 152 1.14 -2.43 -20.73
CA LYS B 152 2.15 -2.69 -21.75
C LYS B 152 1.74 -2.17 -23.13
N ASP B 153 0.56 -2.56 -23.57
CA ASP B 153 0.06 -2.15 -24.87
C ASP B 153 -1.46 -2.26 -24.87
N VAL B 154 -2.12 -1.14 -24.61
CA VAL B 154 -3.57 -1.09 -24.56
C VAL B 154 -4.17 -1.62 -25.86
N ASP B 155 -3.61 -1.16 -26.98
CA ASP B 155 -4.06 -1.58 -28.29
C ASP B 155 -4.13 -3.09 -28.44
N ALA B 156 -3.23 -3.80 -27.75
CA ALA B 156 -3.18 -5.26 -27.83
C ALA B 156 -4.34 -5.94 -27.09
N ILE B 157 -4.64 -5.47 -25.88
CA ILE B 157 -5.73 -6.02 -25.06
C ILE B 157 -7.06 -5.96 -25.82
N LYS B 158 -7.30 -4.84 -26.49
CA LYS B 158 -8.53 -4.63 -27.25
C LYS B 158 -8.74 -5.64 -28.36
N LYS B 159 -7.66 -6.28 -28.82
CA LYS B 159 -7.76 -7.27 -29.88
C LYS B 159 -8.84 -8.30 -29.61
N HIS B 160 -8.92 -8.74 -28.36
CA HIS B 160 -9.90 -9.74 -27.96
C HIS B 160 -11.30 -9.15 -27.93
N SER B 161 -12.17 -9.64 -28.81
CA SER B 161 -13.54 -9.16 -28.90
C SER B 161 -14.27 -9.19 -27.55
N ALA B 162 -13.86 -10.13 -26.70
CA ALA B 162 -14.49 -10.26 -25.38
C ALA B 162 -14.07 -9.12 -24.47
N LEU B 163 -12.84 -8.64 -24.66
CA LEU B 163 -12.29 -7.56 -23.85
C LEU B 163 -12.56 -6.19 -24.46
N ALA B 164 -13.15 -6.18 -25.64
CA ALA B 164 -13.46 -4.94 -26.35
C ALA B 164 -14.37 -3.98 -25.58
N ASP B 165 -15.23 -4.53 -24.74
CA ASP B 165 -16.17 -3.72 -23.97
C ASP B 165 -15.69 -3.44 -22.55
N THR B 166 -14.75 -4.25 -22.07
CA THR B 166 -14.20 -4.12 -20.72
C THR B 166 -13.58 -2.75 -20.44
N LYS B 167 -14.23 -1.99 -19.56
CA LYS B 167 -13.77 -0.64 -19.19
C LYS B 167 -12.45 -0.71 -18.43
N MET B 168 -11.48 0.09 -18.89
CA MET B 168 -10.17 0.13 -18.24
C MET B 168 -9.78 1.53 -17.83
N PHE B 169 -9.31 1.65 -16.59
CA PHE B 169 -8.83 2.92 -16.05
C PHE B 169 -7.33 2.67 -15.95
N TYR B 170 -6.52 3.46 -16.62
CA TYR B 170 -5.08 3.23 -16.52
C TYR B 170 -4.30 4.52 -16.53
N GLY B 171 -3.11 4.48 -15.94
CA GLY B 171 -2.28 5.67 -15.86
C GLY B 171 -1.48 5.98 -17.10
N TYR B 172 -0.75 4.99 -17.60
CA TYR B 172 0.09 5.23 -18.77
C TYR B 172 0.35 4.00 -19.63
N THR B 173 0.47 4.23 -20.93
CA THR B 173 0.76 3.18 -21.88
C THR B 173 1.40 3.91 -23.07
N PRO B 174 2.24 3.23 -23.86
CA PRO B 174 2.69 1.83 -23.78
C PRO B 174 4.02 1.73 -23.07
N MET B 175 4.39 0.51 -22.68
CA MET B 175 5.67 0.29 -22.02
C MET B 175 6.60 -0.25 -23.11
N PRO B 176 7.92 -0.03 -22.97
CA PRO B 176 8.91 -0.47 -23.95
C PRO B 176 8.94 -1.95 -24.26
N LYS B 177 9.05 -2.25 -25.55
CA LYS B 177 9.12 -3.63 -25.98
C LYS B 177 10.34 -4.26 -25.33
N GLY B 178 10.17 -5.45 -24.76
CA GLY B 178 11.28 -6.18 -24.15
C GLY B 178 11.68 -5.75 -22.74
N SER B 179 11.00 -4.77 -22.19
CA SER B 179 11.33 -4.31 -20.86
C SER B 179 10.94 -5.33 -19.80
N TRP B 180 11.58 -5.26 -18.64
CA TRP B 180 11.21 -6.10 -17.51
C TRP B 180 11.25 -5.15 -16.33
N LEU B 181 10.07 -4.94 -15.74
CA LEU B 181 9.93 -3.98 -14.65
C LEU B 181 10.10 -4.54 -13.25
N ILE B 182 10.77 -3.77 -12.41
CA ILE B 182 10.94 -4.13 -11.00
C ILE B 182 10.78 -2.82 -10.23
N GLY B 183 10.35 -2.92 -8.98
CA GLY B 183 10.13 -1.71 -8.22
C GLY B 183 8.66 -1.34 -8.34
N PHE B 184 8.26 -0.26 -7.67
CA PHE B 184 6.88 0.21 -7.65
C PHE B 184 5.96 -0.95 -7.25
N GLY B 185 6.45 -1.78 -6.34
CA GLY B 185 5.65 -2.90 -5.86
C GLY B 185 5.99 -4.20 -6.54
N LEU B 186 6.54 -4.10 -7.75
CA LEU B 186 6.93 -5.27 -8.53
C LEU B 186 8.25 -5.83 -7.99
N ASP B 187 8.37 -7.15 -7.97
CA ASP B 187 9.57 -7.77 -7.45
C ASP B 187 10.64 -8.03 -8.48
N ASP B 188 11.87 -8.16 -7.99
CA ASP B 188 13.03 -8.50 -8.81
C ASP B 188 13.37 -9.86 -8.19
N ASN B 189 12.77 -10.91 -8.74
CA ASN B 189 12.93 -12.27 -8.22
C ASN B 189 12.67 -12.27 -6.72
N GLY B 190 11.52 -11.70 -6.36
CA GLY B 190 11.08 -11.64 -4.97
C GLY B 190 11.52 -10.44 -4.15
N LEU B 191 12.61 -9.82 -4.55
CA LEU B 191 13.18 -8.70 -3.80
C LEU B 191 12.81 -7.32 -4.34
N ARG B 192 13.25 -6.29 -3.61
CA ARG B 192 13.10 -4.91 -4.04
C ARG B 192 11.70 -4.38 -4.37
N ARG B 193 10.65 -4.98 -3.81
CA ARG B 193 9.32 -4.47 -4.13
C ARG B 193 9.17 -3.02 -3.67
N GLY B 194 9.83 -2.69 -2.57
CA GLY B 194 9.76 -1.35 -2.00
C GLY B 194 10.64 -0.31 -2.68
N TRP B 195 11.36 -0.70 -3.72
CA TRP B 195 12.14 0.28 -4.49
C TRP B 195 10.97 0.99 -5.20
N ALA B 196 10.61 2.16 -4.70
CA ALA B 196 9.40 2.85 -5.19
C ALA B 196 9.40 3.38 -6.60
N HIS B 197 10.57 3.69 -7.11
CA HIS B 197 10.66 4.15 -8.49
C HIS B 197 10.43 2.91 -9.34
N LEU B 198 9.95 3.11 -10.56
CA LEU B 198 9.74 2.01 -11.49
C LEU B 198 11.01 1.90 -12.31
N PHE B 199 11.67 0.75 -12.21
CA PHE B 199 12.91 0.50 -12.95
C PHE B 199 12.69 -0.60 -13.97
N ASP B 200 13.56 -0.61 -14.98
CA ASP B 200 13.57 -1.67 -15.97
C ASP B 200 14.96 -2.30 -15.84
N ILE B 201 15.10 -3.57 -16.21
CA ILE B 201 16.42 -4.21 -16.13
C ILE B 201 16.89 -4.82 -17.44
N ASN B 202 16.10 -4.66 -18.51
CA ASN B 202 16.44 -5.24 -19.83
C ASN B 202 16.84 -4.29 -20.96
N LEU B 203 16.39 -3.04 -20.89
CA LEU B 203 16.59 -2.07 -21.95
C LEU B 203 17.95 -1.36 -22.01
N SER B 204 18.24 -0.78 -23.17
CA SER B 204 19.46 -0.01 -23.40
C SER B 204 19.21 1.41 -22.93
N GLU B 205 20.28 2.19 -22.77
CA GLU B 205 20.12 3.56 -22.33
C GLU B 205 19.27 4.39 -23.30
N SER B 206 19.47 4.17 -24.59
CA SER B 206 18.71 4.91 -25.59
C SER B 206 17.23 4.54 -25.53
N GLU B 207 16.94 3.28 -25.25
CA GLU B 207 15.55 2.83 -25.14
C GLU B 207 14.91 3.49 -23.93
N VAL B 208 15.65 3.56 -22.83
CA VAL B 208 15.12 4.16 -21.60
C VAL B 208 14.91 5.65 -21.78
N THR B 209 15.89 6.30 -22.39
CA THR B 209 15.80 7.74 -22.64
C THR B 209 14.60 8.07 -23.51
N GLU B 210 14.33 7.25 -24.51
CA GLU B 210 13.19 7.50 -25.39
C GLU B 210 11.88 7.34 -24.62
N PHE B 211 11.82 6.34 -23.76
CA PHE B 211 10.62 6.12 -22.97
C PHE B 211 10.36 7.34 -22.09
N ARG B 212 11.39 7.83 -21.42
CA ARG B 212 11.22 8.97 -20.54
C ARG B 212 10.79 10.21 -21.32
N ARG B 213 11.23 10.34 -22.57
CA ARG B 213 10.80 11.47 -23.38
C ARG B 213 9.28 11.46 -23.50
N ARG B 214 8.72 10.28 -23.79
CA ARG B 214 7.28 10.12 -23.95
C ARG B 214 6.52 10.28 -22.64
N LEU B 215 7.04 9.66 -21.59
CA LEU B 215 6.40 9.73 -20.27
C LEU B 215 6.34 11.19 -19.84
N THR B 216 7.47 11.88 -19.98
CA THR B 216 7.56 13.30 -19.61
C THR B 216 6.53 14.14 -20.33
N GLU B 217 6.41 13.94 -21.64
CA GLU B 217 5.45 14.70 -22.40
C GLU B 217 4.05 14.48 -21.83
N HIS B 218 3.73 13.24 -21.47
CA HIS B 218 2.43 12.92 -20.94
C HIS B 218 2.18 13.56 -19.58
N ILE B 219 3.14 13.43 -18.68
CA ILE B 219 2.97 13.98 -17.35
C ILE B 219 2.93 15.50 -17.35
N LYS B 220 3.67 16.13 -18.24
CA LYS B 220 3.66 17.59 -18.26
C LYS B 220 2.26 18.09 -18.59
N GLY B 221 1.50 17.29 -19.34
CA GLY B 221 0.16 17.69 -19.71
C GLY B 221 -0.93 17.30 -18.71
N LEU B 222 -0.55 16.63 -17.64
CA LEU B 222 -1.53 16.20 -16.64
C LEU B 222 -2.14 17.36 -15.87
N ASN B 223 -3.40 17.15 -15.46
CA ASN B 223 -4.15 18.12 -14.69
C ASN B 223 -4.68 17.41 -13.46
N ILE B 224 -3.83 17.26 -12.44
CA ILE B 224 -4.23 16.59 -11.21
C ILE B 224 -4.07 17.47 -9.98
N ASN B 225 -3.82 18.75 -10.21
CA ASN B 225 -3.65 19.70 -9.12
C ASN B 225 -4.95 19.74 -8.32
N GLY B 226 -4.89 19.30 -7.07
CA GLY B 226 -6.08 19.29 -6.24
C GLY B 226 -6.58 17.90 -5.90
N VAL B 227 -6.23 16.91 -6.72
CA VAL B 227 -6.67 15.54 -6.44
C VAL B 227 -6.12 15.11 -5.09
N ASN B 228 -4.87 15.49 -4.81
CA ASN B 228 -4.24 15.16 -3.54
C ASN B 228 -4.63 16.19 -2.49
N ARG B 229 -5.29 15.71 -1.44
CA ARG B 229 -5.77 16.55 -0.35
C ARG B 229 -4.87 16.48 0.86
N TYR B 230 -3.78 15.73 0.78
CA TYR B 230 -2.91 15.56 1.94
C TYR B 230 -1.70 16.47 2.04
#